data_6CJP
#
_entry.id   6CJP
#
_cell.length_a   40.530
_cell.length_b   80.110
_cell.length_c   78.200
_cell.angle_alpha   90.000
_cell.angle_beta   105.090
_cell.angle_gamma   90.000
#
_symmetry.space_group_name_H-M   'P 1 21 1'
#
loop_
_entity.id
_entity.type
_entity.pdbx_description
1 polymer 'Heat shock protein 90 homolog'
2 non-polymer (1aR,2Z,4E,6E,14R,15aR)-9,11-dihydroxy-6-{[(4-methoxyphenyl)methoxy]imino}-14-methyl-1a,6,7,14,15,15a-hexahydro-12H-oxireno[e][2]benzoxacyclotetradecin-12-one
3 water water
#
_entity_poly.entity_id   1
_entity_poly.type   'polypeptide(L)'
_entity_poly.pdbx_seq_one_letter_code
;MHHHHHHSSGRENLYFQGETHEFTAEISQLMSLIINTVYSNKEIFLRELISNASDALDKIRYQALSDPSQLESEPELFIR
IIPQKDQKVLEIRDSGIGMTKADLVNNLGTIAKSGTKSFMEALSAGADVSMIGQFGVGFYSLFLVADHVQVISKHNDDEQ
YVWESNAGGKFTVTLDETNERLGRGTMLRLFLKEDQLEYLEEKRIKEVVKKHSEFVAYPIQLVVTKEVEK
;
_entity_poly.pdbx_strand_id   A,B
#
loop_
_chem_comp.id
_chem_comp.type
_chem_comp.name
_chem_comp.formula
F5S non-polymer (1aR,2Z,4E,6E,14R,15aR)-9,11-dihydroxy-6-{[(4-methoxyphenyl)methoxy]imino}-14-methyl-1a,6,7,14,15,15a-hexahydro-12H-oxireno[e][2]benzoxacyclotetradecin-12-one 'C26 H27 N O7'
#
# COMPACT_ATOMS: atom_id res chain seq x y z
N LEU A 14 26.60 26.44 -1.62
CA LEU A 14 26.05 25.70 -2.75
C LEU A 14 24.55 25.92 -2.84
N TYR A 15 23.91 26.16 -1.70
CA TYR A 15 22.47 26.39 -1.65
C TYR A 15 22.14 27.59 -0.79
N PHE A 16 20.92 28.09 -0.93
CA PHE A 16 20.51 29.33 -0.28
C PHE A 16 20.43 29.15 1.24
N GLN A 17 20.65 30.24 1.96
CA GLN A 17 20.82 30.23 3.41
C GLN A 17 21.84 29.18 3.83
N GLY A 18 22.96 29.15 3.14
CA GLY A 18 23.89 28.04 3.33
C GLY A 18 23.14 26.75 3.09
N GLU A 19 23.04 25.94 4.13
CA GLU A 19 22.10 24.83 4.17
C GLU A 19 20.96 25.09 5.15
N THR A 20 21.31 25.47 6.39
CA THR A 20 20.35 25.73 7.46
C THR A 20 19.09 26.46 7.02
N HIS A 21 17.97 26.16 7.66
CA HIS A 21 16.68 26.79 7.38
C HIS A 21 16.08 27.26 8.71
N GLU A 22 16.35 28.51 9.07
CA GLU A 22 15.82 29.12 10.27
C GLU A 22 15.09 30.41 9.93
N PHE A 23 13.98 30.66 10.64
CA PHE A 23 13.12 31.82 10.44
C PHE A 23 13.03 32.25 8.97
N THR A 24 12.70 31.30 8.09
CA THR A 24 12.55 31.61 6.67
C THR A 24 11.31 30.92 6.09
N ALA A 25 10.26 30.74 6.91
CA ALA A 25 9.02 30.20 6.40
C ALA A 25 8.43 31.08 5.30
N GLU A 26 8.60 32.40 5.41
CA GLU A 26 8.06 33.32 4.41
C GLU A 26 8.55 32.96 3.01
N ILE A 27 9.81 32.54 2.87
CA ILE A 27 10.36 32.23 1.55
C ILE A 27 9.57 31.10 0.90
N SER A 28 9.22 30.07 1.68
CA SER A 28 8.49 28.95 1.10
C SER A 28 7.17 29.41 0.49
N GLN A 29 6.52 30.39 1.11
CA GLN A 29 5.27 30.91 0.57
C GLN A 29 5.49 31.55 -0.80
N LEU A 30 6.55 32.35 -0.93
CA LEU A 30 6.80 33.03 -2.20
C LEU A 30 7.13 32.05 -3.30
N MET A 31 8.10 31.16 -3.07
CA MET A 31 8.41 30.12 -4.05
C MET A 31 7.16 29.35 -4.43
N SER A 32 6.35 28.98 -3.43
CA SER A 32 5.07 28.35 -3.73
C SER A 32 4.20 29.26 -4.56
N LEU A 33 4.13 30.55 -4.21
CA LEU A 33 3.32 31.49 -4.96
C LEU A 33 3.84 31.64 -6.38
N ILE A 34 5.16 31.73 -6.54
CA ILE A 34 5.76 31.86 -7.85
C ILE A 34 5.44 30.63 -8.68
N ILE A 35 5.72 29.45 -8.13
CA ILE A 35 5.53 28.21 -8.86
C ILE A 35 4.05 27.97 -9.14
N ASN A 36 3.17 28.39 -8.23
CA ASN A 36 1.74 28.24 -8.47
C ASN A 36 1.26 29.17 -9.57
N THR A 37 1.87 30.35 -9.69
CA THR A 37 1.51 31.30 -10.73
C THR A 37 2.11 30.90 -12.08
N VAL A 38 3.34 30.40 -12.07
CA VAL A 38 4.04 30.11 -13.32
C VAL A 38 3.52 28.83 -13.96
N TYR A 39 3.24 27.81 -13.16
CA TYR A 39 2.88 26.49 -13.69
C TYR A 39 1.37 26.32 -13.54
N SER A 40 0.65 26.54 -14.65
CA SER A 40 -0.80 26.37 -14.66
C SER A 40 -1.19 24.92 -14.87
N ASN A 41 -0.34 24.13 -15.54
CA ASN A 41 -0.55 22.70 -15.68
C ASN A 41 0.10 22.05 -14.47
N LYS A 42 -0.72 21.68 -13.48
CA LYS A 42 -0.22 21.24 -12.19
C LYS A 42 0.13 19.76 -12.17
N GLU A 43 -0.19 19.01 -13.23
CA GLU A 43 0.10 17.59 -13.26
C GLU A 43 1.60 17.30 -13.28
N ILE A 44 2.43 18.28 -13.59
CA ILE A 44 3.86 18.06 -13.71
C ILE A 44 4.52 17.70 -12.39
N PHE A 45 3.81 17.85 -11.27
CA PHE A 45 4.36 17.39 -10.00
C PHE A 45 4.58 15.89 -10.03
N LEU A 46 3.68 15.16 -10.70
CA LEU A 46 3.79 13.71 -10.76
C LEU A 46 4.94 13.28 -11.65
N ARG A 47 5.15 14.00 -12.75
CA ARG A 47 6.29 13.71 -13.61
C ARG A 47 7.60 13.84 -12.84
N GLU A 48 7.72 14.88 -12.03
CA GLU A 48 8.96 15.10 -11.27
C GLU A 48 9.16 14.01 -10.22
N LEU A 49 8.07 13.59 -9.56
CA LEU A 49 8.17 12.49 -8.62
C LEU A 49 8.70 11.22 -9.30
N ILE A 50 8.12 10.86 -10.44
CA ILE A 50 8.54 9.66 -11.14
C ILE A 50 9.99 9.81 -11.60
N SER A 51 10.37 11.01 -12.05
CA SER A 51 11.75 11.23 -12.47
C SER A 51 12.70 11.13 -11.30
N ASN A 52 12.31 11.68 -10.14
CA ASN A 52 13.12 11.52 -8.94
C ASN A 52 13.24 10.04 -8.57
N ALA A 53 12.14 9.31 -8.62
CA ALA A 53 12.16 7.91 -8.23
C ALA A 53 13.03 7.10 -9.18
N SER A 54 12.94 7.38 -10.49
CA SER A 54 13.77 6.68 -11.46
C SER A 54 15.25 6.88 -11.17
N ASP A 55 15.65 8.10 -10.84
CA ASP A 55 17.04 8.35 -10.48
C ASP A 55 17.44 7.58 -9.23
N ALA A 56 16.54 7.54 -8.24
CA ALA A 56 16.84 6.79 -7.01
C ALA A 56 17.04 5.31 -7.31
N LEU A 57 16.24 4.75 -8.20
CA LEU A 57 16.40 3.34 -8.55
C LEU A 57 17.70 3.12 -9.32
N ASP A 58 18.09 4.07 -10.17
CA ASP A 58 19.35 3.95 -10.90
C ASP A 58 20.53 3.84 -9.94
N LYS A 59 20.51 4.64 -8.87
CA LYS A 59 21.68 4.69 -7.98
C LYS A 59 21.87 3.38 -7.23
N ILE A 60 20.78 2.78 -6.74
CA ILE A 60 20.93 1.54 -6.00
C ILE A 60 21.26 0.39 -6.95
N ARG A 61 20.69 0.41 -8.15
CA ARG A 61 21.04 -0.59 -9.15
C ARG A 61 22.53 -0.52 -9.50
N TYR A 62 23.06 0.69 -9.62
CA TYR A 62 24.48 0.85 -9.97
C TYR A 62 25.37 0.31 -8.86
N GLN A 63 25.20 0.81 -7.64
CA GLN A 63 26.07 0.37 -6.54
C GLN A 63 25.77 -1.06 -6.11
N ALA A 64 24.70 -1.66 -6.60
CA ALA A 64 24.46 -3.08 -6.37
C ALA A 64 25.21 -3.96 -7.38
N LEU A 65 25.73 -3.37 -8.46
CA LEU A 65 26.57 -4.12 -9.37
C LEU A 65 27.87 -4.54 -8.69
N SER A 66 28.50 -3.62 -7.96
CA SER A 66 29.72 -3.94 -7.23
C SER A 66 29.42 -4.78 -5.99
N ASP A 67 28.36 -4.42 -5.25
CA ASP A 67 28.03 -5.06 -3.98
C ASP A 67 26.54 -5.45 -4.01
N PRO A 68 26.22 -6.64 -4.51
CA PRO A 68 24.80 -7.04 -4.59
C PRO A 68 24.11 -7.20 -3.25
N SER A 69 24.83 -7.22 -2.14
CA SER A 69 24.18 -7.31 -0.84
C SER A 69 23.39 -6.05 -0.50
N GLN A 70 23.59 -4.97 -1.24
CA GLN A 70 22.84 -3.73 -1.00
C GLN A 70 21.38 -3.85 -1.42
N LEU A 71 21.03 -4.84 -2.24
CA LEU A 71 19.66 -5.04 -2.68
C LEU A 71 18.86 -5.97 -1.77
N GLU A 72 19.50 -6.57 -0.77
CA GLU A 72 18.80 -7.53 0.08
C GLU A 72 17.73 -6.87 0.96
N SER A 73 17.85 -5.57 1.22
CA SER A 73 16.85 -4.89 2.04
C SER A 73 15.50 -4.83 1.33
N GLU A 74 15.51 -4.56 0.02
CA GLU A 74 14.30 -4.60 -0.81
C GLU A 74 14.72 -5.11 -2.18
N PRO A 75 14.57 -6.40 -2.43
CA PRO A 75 15.15 -6.97 -3.67
C PRO A 75 14.61 -6.36 -4.94
N GLU A 76 13.32 -6.10 -5.02
CA GLU A 76 12.72 -5.62 -6.25
C GLU A 76 12.91 -4.11 -6.40
N LEU A 77 12.94 -3.66 -7.64
CA LEU A 77 13.07 -2.24 -7.97
C LEU A 77 11.80 -1.78 -8.66
N PHE A 78 11.07 -0.87 -8.04
CA PHE A 78 9.74 -0.51 -8.53
C PHE A 78 9.38 0.91 -8.13
N ILE A 79 8.41 1.47 -8.86
CA ILE A 79 7.72 2.69 -8.49
C ILE A 79 6.26 2.33 -8.28
N ARG A 80 5.66 2.82 -7.19
CA ARG A 80 4.30 2.46 -6.84
C ARG A 80 3.51 3.69 -6.41
N ILE A 81 2.33 3.86 -7.00
CA ILE A 81 1.45 4.99 -6.71
C ILE A 81 0.21 4.43 -6.02
N ILE A 82 -0.07 4.89 -4.82
CA ILE A 82 -1.17 4.40 -4.01
C ILE A 82 -2.06 5.58 -3.62
N PRO A 83 -3.14 5.83 -4.37
CA PRO A 83 -4.11 6.84 -3.92
C PRO A 83 -4.89 6.35 -2.71
N GLN A 84 -4.86 7.14 -1.65
CA GLN A 84 -5.65 6.88 -0.44
C GLN A 84 -6.87 7.80 -0.49
N LYS A 85 -8.00 7.26 -0.94
CA LYS A 85 -9.20 8.09 -1.10
C LYS A 85 -9.76 8.51 0.25
N ASP A 86 -9.76 7.61 1.24
CA ASP A 86 -10.29 7.94 2.55
C ASP A 86 -9.55 9.13 3.16
N GLN A 87 -8.23 9.07 3.15
CA GLN A 87 -7.39 10.08 3.78
C GLN A 87 -7.11 11.27 2.87
N LYS A 88 -7.64 11.28 1.65
CA LYS A 88 -7.35 12.33 0.68
C LYS A 88 -5.85 12.53 0.51
N VAL A 89 -5.13 11.42 0.43
CA VAL A 89 -3.67 11.41 0.34
C VAL A 89 -3.26 10.61 -0.88
N LEU A 90 -2.24 11.10 -1.59
CA LEU A 90 -1.64 10.37 -2.70
C LEU A 90 -0.24 9.95 -2.28
N GLU A 91 0.03 8.66 -2.33
CA GLU A 91 1.31 8.10 -1.92
C GLU A 91 2.08 7.64 -3.14
N ILE A 92 3.36 8.03 -3.21
CA ILE A 92 4.27 7.61 -4.27
C ILE A 92 5.49 6.99 -3.60
N ARG A 93 5.71 5.70 -3.84
CA ARG A 93 6.82 5.00 -3.20
C ARG A 93 7.74 4.40 -4.26
N ASP A 94 9.03 4.39 -3.94
CA ASP A 94 10.04 3.75 -4.76
C ASP A 94 10.99 2.99 -3.86
N SER A 95 11.66 1.99 -4.44
CA SER A 95 12.61 1.15 -3.73
C SER A 95 14.05 1.57 -4.02
N GLY A 96 14.27 2.83 -4.38
CA GLY A 96 15.60 3.31 -4.70
C GLY A 96 16.57 3.32 -3.55
N ILE A 97 17.65 4.10 -3.69
CA ILE A 97 18.73 4.11 -2.72
C ILE A 97 18.31 4.68 -1.38
N GLY A 98 17.21 5.43 -1.34
CA GLY A 98 16.75 6.03 -0.09
C GLY A 98 17.59 7.21 0.34
N MET A 99 17.25 7.75 1.51
CA MET A 99 17.86 8.97 2.02
C MET A 99 18.16 8.81 3.51
N THR A 100 19.37 9.16 3.91
CA THR A 100 19.69 9.25 5.32
C THR A 100 19.01 10.49 5.92
N LYS A 101 19.26 10.73 7.20
CA LYS A 101 18.75 11.96 7.82
C LYS A 101 19.41 13.18 7.18
N ALA A 102 20.73 13.12 6.96
CA ALA A 102 21.42 14.24 6.34
C ALA A 102 20.92 14.47 4.92
N ASP A 103 20.67 13.39 4.18
CA ASP A 103 20.19 13.52 2.81
C ASP A 103 18.80 14.15 2.77
N LEU A 104 17.93 13.77 3.70
CA LEU A 104 16.59 14.36 3.77
C LEU A 104 16.67 15.87 3.97
N VAL A 105 17.53 16.31 4.89
CA VAL A 105 17.65 17.74 5.19
C VAL A 105 18.15 18.50 3.97
N ASN A 106 19.08 17.90 3.22
CA ASN A 106 19.68 18.59 2.09
C ASN A 106 18.68 18.74 0.95
N ASN A 107 18.09 17.63 0.52
CA ASN A 107 17.27 17.62 -0.69
C ASN A 107 15.90 18.25 -0.50
N LEU A 108 15.34 18.20 0.72
CA LEU A 108 13.95 18.56 0.95
C LEU A 108 13.83 19.97 1.54
N GLY A 109 13.22 20.88 0.78
CA GLY A 109 12.96 22.21 1.27
C GLY A 109 14.11 23.17 1.05
N THR A 110 15.19 22.71 0.45
CA THR A 110 16.38 23.52 0.23
C THR A 110 16.34 24.17 -1.14
N ILE A 111 16.94 25.34 -1.24
CA ILE A 111 17.02 26.09 -2.49
C ILE A 111 18.49 26.29 -2.82
N ALA A 112 18.82 26.23 -4.11
CA ALA A 112 20.18 26.45 -4.57
C ALA A 112 20.27 27.84 -5.22
N LYS A 113 21.28 28.62 -4.80
CA LYS A 113 21.44 29.96 -5.36
C LYS A 113 21.62 29.88 -6.87
N SER A 114 22.38 28.90 -7.35
CA SER A 114 22.58 28.73 -8.78
C SER A 114 21.25 28.51 -9.49
N GLY A 115 20.46 27.54 -9.01
CA GLY A 115 19.23 27.21 -9.71
C GLY A 115 18.20 28.32 -9.65
N THR A 116 18.00 28.89 -8.46
CA THR A 116 17.02 29.96 -8.33
C THR A 116 17.39 31.17 -9.17
N LYS A 117 18.66 31.57 -9.14
CA LYS A 117 19.09 32.70 -9.96
C LYS A 117 18.82 32.43 -11.43
N SER A 118 19.07 31.21 -11.89
CA SER A 118 18.75 30.86 -13.27
C SER A 118 17.24 30.80 -13.48
N PHE A 119 16.51 30.25 -12.51
CA PHE A 119 15.05 30.19 -12.63
C PHE A 119 14.45 31.59 -12.71
N MET A 120 14.79 32.45 -11.74
CA MET A 120 14.27 33.81 -11.74
C MET A 120 14.64 34.54 -13.03
N GLU A 121 15.90 34.42 -13.46
CA GLU A 121 16.33 35.10 -14.67
C GLU A 121 15.61 34.54 -15.90
N ALA A 122 15.36 33.23 -15.92
CA ALA A 122 14.61 32.65 -17.02
C ALA A 122 13.19 33.20 -17.06
N LEU A 123 12.58 33.42 -15.89
CA LEU A 123 11.25 34.02 -15.85
C LEU A 123 11.29 35.44 -16.41
N SER A 124 12.37 36.18 -16.15
CA SER A 124 12.45 37.56 -16.61
C SER A 124 12.33 37.65 -18.13
N ALA A 125 13.04 36.77 -18.84
CA ALA A 125 13.07 36.80 -20.30
C ALA A 125 12.00 35.91 -20.93
N GLY A 126 11.05 35.40 -20.14
CA GLY A 126 10.05 34.50 -20.69
C GLY A 126 10.63 33.32 -21.41
N ALA A 127 11.71 32.76 -20.88
CA ALA A 127 12.37 31.62 -21.48
C ALA A 127 11.68 30.32 -21.07
N ASP A 128 12.04 29.23 -21.76
CA ASP A 128 11.47 27.93 -21.46
C ASP A 128 11.85 27.48 -20.05
N VAL A 129 10.89 27.49 -19.14
CA VAL A 129 11.07 26.94 -17.80
C VAL A 129 10.27 25.65 -17.61
N SER A 130 9.78 25.07 -18.71
CA SER A 130 8.92 23.88 -18.62
C SER A 130 9.57 22.80 -17.77
N MET A 131 10.85 22.53 -18.01
CA MET A 131 11.60 21.57 -17.20
C MET A 131 11.95 22.23 -15.87
N ILE A 132 11.10 22.00 -14.86
CA ILE A 132 11.31 22.65 -13.56
C ILE A 132 12.44 21.97 -12.79
N GLY A 133 12.62 20.66 -12.96
CA GLY A 133 13.57 19.94 -12.13
C GLY A 133 15.00 20.45 -12.25
N GLN A 134 15.37 20.94 -13.42
CA GLN A 134 16.76 21.33 -13.66
C GLN A 134 17.11 22.71 -13.10
N PHE A 135 16.15 23.40 -12.46
CA PHE A 135 16.44 24.61 -11.72
C PHE A 135 16.60 24.37 -10.22
N GLY A 136 16.61 23.10 -9.79
CA GLY A 136 16.72 22.77 -8.39
C GLY A 136 15.56 23.23 -7.54
N VAL A 137 14.45 23.61 -8.19
CA VAL A 137 13.30 24.18 -7.53
C VAL A 137 12.10 23.24 -7.50
N GLY A 138 12.21 22.07 -8.14
CA GLY A 138 11.07 21.20 -8.33
C GLY A 138 10.34 20.80 -7.06
N PHE A 139 10.99 20.91 -5.89
CA PHE A 139 10.34 20.50 -4.65
C PHE A 139 8.98 21.16 -4.48
N TYR A 140 8.89 22.46 -4.78
CA TYR A 140 7.68 23.21 -4.51
C TYR A 140 6.59 22.97 -5.54
N SER A 141 6.86 22.20 -6.60
CA SER A 141 5.78 21.73 -7.45
C SER A 141 4.83 20.82 -6.69
N LEU A 142 5.30 20.22 -5.59
CA LEU A 142 4.42 19.44 -4.74
C LEU A 142 3.26 20.28 -4.23
N PHE A 143 3.52 21.56 -3.93
CA PHE A 143 2.50 22.44 -3.37
C PHE A 143 1.54 22.96 -4.43
N LEU A 144 1.75 22.62 -5.70
CA LEU A 144 0.73 22.87 -6.72
C LEU A 144 -0.55 22.10 -6.39
N VAL A 145 -0.41 20.87 -5.89
CA VAL A 145 -1.56 20.02 -5.63
C VAL A 145 -1.76 19.71 -4.15
N ALA A 146 -0.81 20.03 -3.28
CA ALA A 146 -0.83 19.53 -1.92
C ALA A 146 -0.70 20.67 -0.92
N ASP A 147 -1.34 20.48 0.25
CA ASP A 147 -1.24 21.39 1.38
C ASP A 147 -0.23 20.93 2.43
N HIS A 148 0.18 19.67 2.38
CA HIS A 148 1.13 19.13 3.34
C HIS A 148 1.83 17.94 2.70
N VAL A 149 3.07 17.70 3.11
CA VAL A 149 3.89 16.65 2.53
C VAL A 149 4.61 15.91 3.65
N GLN A 150 4.57 14.57 3.60
CA GLN A 150 5.38 13.71 4.45
C GLN A 150 6.29 12.90 3.54
N VAL A 151 7.58 12.86 3.88
CA VAL A 151 8.56 12.08 3.13
C VAL A 151 9.11 11.02 4.09
N ILE A 152 8.83 9.76 3.80
CA ILE A 152 9.35 8.62 4.55
C ILE A 152 10.46 8.00 3.72
N SER A 153 11.62 7.80 4.31
CA SER A 153 12.80 7.33 3.59
C SER A 153 13.61 6.39 4.47
N LYS A 154 14.23 5.40 3.83
CA LYS A 154 15.09 4.44 4.52
C LYS A 154 16.30 4.17 3.64
N HIS A 155 17.48 4.56 4.11
CA HIS A 155 18.74 4.29 3.44
C HIS A 155 19.42 3.12 4.13
N ASN A 156 20.10 2.27 3.35
CA ASN A 156 20.73 1.08 3.91
C ASN A 156 21.66 1.42 5.07
N ASP A 157 22.27 2.59 5.04
CA ASP A 157 23.26 2.99 6.03
C ASP A 157 22.66 3.81 7.16
N ASP A 158 21.34 3.90 7.25
CA ASP A 158 20.69 4.68 8.31
C ASP A 158 19.32 4.07 8.58
N GLU A 159 18.63 4.65 9.55
CA GLU A 159 17.30 4.20 9.94
C GLU A 159 16.22 4.97 9.17
N GLN A 160 14.97 4.56 9.38
CA GLN A 160 13.84 5.17 8.69
C GLN A 160 13.48 6.49 9.35
N TYR A 161 13.35 7.55 8.54
CA TYR A 161 13.04 8.89 9.03
C TYR A 161 11.83 9.44 8.28
N VAL A 162 11.18 10.42 8.90
CA VAL A 162 10.05 11.12 8.29
C VAL A 162 10.38 12.60 8.26
N TRP A 163 10.38 13.17 7.06
CA TRP A 163 10.51 14.62 6.87
C TRP A 163 9.14 15.14 6.47
N GLU A 164 8.69 16.24 7.08
CA GLU A 164 7.39 16.79 6.72
C GLU A 164 7.37 18.29 6.94
N SER A 165 6.64 18.97 6.06
CA SER A 165 6.40 20.41 6.17
C SER A 165 5.12 20.72 5.40
N ASN A 166 4.75 21.99 5.39
CA ASN A 166 3.53 22.43 4.71
C ASN A 166 3.71 23.80 4.07
N GLY A 169 7.03 27.31 5.33
CA GLY A 169 6.65 26.17 6.16
C GLY A 169 7.78 25.76 7.07
N LYS A 170 7.45 25.04 8.15
CA LYS A 170 8.47 24.56 9.07
C LYS A 170 8.88 23.14 8.64
N PHE A 171 10.18 22.90 8.60
CA PHE A 171 10.70 21.59 8.26
C PHE A 171 11.01 20.83 9.55
N THR A 172 10.80 19.51 9.51
CA THR A 172 11.06 18.67 10.67
C THR A 172 11.42 17.27 10.20
N VAL A 173 12.55 16.76 10.67
CA VAL A 173 12.96 15.38 10.42
C VAL A 173 12.78 14.58 11.70
N THR A 174 11.90 13.59 11.67
CA THR A 174 11.58 12.78 12.84
C THR A 174 11.88 11.32 12.56
N LEU A 175 12.51 10.66 13.53
CA LEU A 175 12.71 9.22 13.46
C LEU A 175 11.37 8.51 13.39
N ASP A 176 11.26 7.57 12.45
CA ASP A 176 9.98 6.92 12.15
C ASP A 176 9.78 5.72 13.06
N GLU A 177 8.90 5.87 14.05
CA GLU A 177 8.58 4.80 14.99
C GLU A 177 7.15 4.28 14.84
N THR A 178 6.40 4.76 13.85
CA THR A 178 5.00 4.39 13.69
C THR A 178 4.69 3.78 12.33
N ASN A 179 5.07 4.45 11.24
CA ASN A 179 4.73 3.95 9.91
C ASN A 179 5.32 2.57 9.68
N GLU A 180 4.71 1.82 8.77
CA GLU A 180 5.21 0.50 8.41
C GLU A 180 6.61 0.63 7.82
N ARG A 181 7.34 -0.49 7.86
CA ARG A 181 8.73 -0.49 7.44
C ARG A 181 8.85 -0.60 5.93
N LEU A 182 9.66 0.29 5.35
CA LEU A 182 10.08 0.16 3.98
C LEU A 182 11.38 -0.63 4.00
N GLY A 183 11.50 -1.59 3.08
CA GLY A 183 12.77 -2.32 3.03
C GLY A 183 13.91 -1.37 2.75
N ARG A 184 13.74 -0.52 1.74
CA ARG A 184 14.66 0.51 1.30
C ARG A 184 13.89 1.42 0.37
N GLY A 185 14.31 2.67 0.29
CA GLY A 185 13.70 3.62 -0.61
C GLY A 185 12.95 4.73 0.10
N THR A 186 12.04 5.35 -0.63
CA THR A 186 11.37 6.57 -0.20
C THR A 186 9.89 6.51 -0.51
N MET A 187 9.07 7.04 0.38
CA MET A 187 7.64 7.18 0.16
C MET A 187 7.24 8.63 0.41
N LEU A 188 6.61 9.25 -0.58
CA LEU A 188 6.08 10.61 -0.44
C LEU A 188 4.57 10.53 -0.26
N ARG A 189 4.08 11.14 0.82
CA ARG A 189 2.65 11.21 1.10
C ARG A 189 2.20 12.65 0.88
N LEU A 190 1.34 12.85 -0.11
CA LEU A 190 0.84 14.18 -0.45
C LEU A 190 -0.57 14.34 0.06
N PHE A 191 -0.77 15.32 0.95
CA PHE A 191 -2.11 15.69 1.40
C PHE A 191 -2.67 16.71 0.42
N LEU A 192 -3.61 16.28 -0.41
CA LEU A 192 -4.03 17.06 -1.57
C LEU A 192 -4.95 18.20 -1.17
N LYS A 193 -4.86 19.29 -1.93
CA LYS A 193 -5.83 20.38 -1.80
C LYS A 193 -7.21 19.89 -2.17
N GLU A 194 -8.24 20.52 -1.58
CA GLU A 194 -9.60 20.08 -1.80
C GLU A 194 -10.04 20.20 -3.26
N ASP A 195 -9.36 21.05 -4.04
CA ASP A 195 -9.68 21.21 -5.45
C ASP A 195 -8.80 20.35 -6.35
N GLN A 196 -7.86 19.60 -5.79
CA GLN A 196 -6.92 18.81 -6.57
C GLN A 196 -7.10 17.31 -6.34
N LEU A 197 -8.24 16.90 -5.81
CA LEU A 197 -8.49 15.49 -5.53
C LEU A 197 -8.63 14.64 -6.78
N GLU A 198 -8.61 15.27 -7.97
CA GLU A 198 -8.63 14.50 -9.21
C GLU A 198 -7.44 13.54 -9.31
N TYR A 199 -6.39 13.77 -8.53
CA TYR A 199 -5.18 12.95 -8.61
C TYR A 199 -5.26 11.72 -7.73
N LEU A 200 -6.42 11.43 -7.14
CA LEU A 200 -6.67 10.14 -6.52
C LEU A 200 -7.37 9.17 -7.46
N GLU A 201 -7.86 9.64 -8.60
CA GLU A 201 -8.63 8.82 -9.52
C GLU A 201 -7.70 8.07 -10.46
N GLU A 202 -8.04 6.81 -10.73
CA GLU A 202 -7.20 5.96 -11.56
C GLU A 202 -6.96 6.57 -12.93
N LYS A 203 -8.03 6.99 -13.61
CA LYS A 203 -7.91 7.48 -14.98
C LYS A 203 -6.90 8.61 -15.05
N ARG A 204 -7.02 9.60 -14.16
CA ARG A 204 -6.14 10.76 -14.18
C ARG A 204 -4.69 10.34 -14.00
N ILE A 205 -4.42 9.46 -13.03
CA ILE A 205 -3.05 9.05 -12.76
C ILE A 205 -2.43 8.40 -13.99
N LYS A 206 -3.15 7.47 -14.62
CA LYS A 206 -2.61 6.84 -15.83
C LYS A 206 -2.40 7.86 -16.93
N GLU A 207 -3.33 8.79 -17.11
CA GLU A 207 -3.16 9.85 -18.10
C GLU A 207 -1.83 10.56 -17.88
N VAL A 208 -1.58 11.05 -16.67
CA VAL A 208 -0.37 11.83 -16.42
C VAL A 208 0.86 10.95 -16.55
N VAL A 209 0.82 9.74 -15.98
CA VAL A 209 1.97 8.84 -16.06
C VAL A 209 2.29 8.53 -17.52
N LYS A 210 1.27 8.14 -18.29
CA LYS A 210 1.50 7.81 -19.70
C LYS A 210 2.19 8.95 -20.44
N LYS A 211 1.83 10.19 -20.12
CA LYS A 211 2.45 11.34 -20.76
C LYS A 211 3.96 11.37 -20.56
N HIS A 212 4.41 11.58 -19.32
CA HIS A 212 5.81 11.88 -19.03
C HIS A 212 6.55 10.66 -18.46
N SER A 213 6.24 9.44 -18.90
CA SER A 213 6.87 8.26 -18.33
C SER A 213 7.25 7.21 -19.36
N GLU A 214 7.23 7.54 -20.65
CA GLU A 214 7.58 6.56 -21.67
C GLU A 214 9.01 6.05 -21.50
N PHE A 215 9.93 6.94 -21.12
CA PHE A 215 11.36 6.61 -21.08
C PHE A 215 11.80 5.94 -19.79
N VAL A 216 10.91 5.76 -18.81
CA VAL A 216 11.32 5.17 -17.53
C VAL A 216 11.48 3.67 -17.71
N ALA A 217 12.58 3.12 -17.17
CA ALA A 217 12.93 1.73 -17.35
C ALA A 217 12.42 0.83 -16.23
N TYR A 218 11.76 1.40 -15.22
CA TYR A 218 11.26 0.63 -14.10
C TYR A 218 9.73 0.56 -14.14
N PRO A 219 9.14 -0.51 -13.60
CA PRO A 219 7.67 -0.61 -13.61
C PRO A 219 7.03 0.43 -12.71
N ILE A 220 6.02 1.11 -13.24
CA ILE A 220 5.21 2.06 -12.46
C ILE A 220 3.90 1.37 -12.16
N GLN A 221 3.74 0.96 -10.90
CA GLN A 221 2.58 0.20 -10.47
C GLN A 221 1.55 1.11 -9.82
N LEU A 222 0.28 0.83 -10.08
CA LEU A 222 -0.83 1.61 -9.53
C LEU A 222 -1.70 0.69 -8.69
N VAL A 223 -1.88 1.03 -7.42
CA VAL A 223 -2.67 0.24 -6.48
C VAL A 223 -3.99 0.97 -6.28
N VAL A 224 -5.08 0.36 -6.75
CA VAL A 224 -6.41 0.95 -6.66
C VAL A 224 -7.31 0.02 -5.86
N THR A 225 -8.13 0.61 -4.99
CA THR A 225 -9.11 -0.13 -4.20
C THR A 225 -10.49 0.25 -4.71
N LYS A 226 -11.18 -0.70 -5.33
CA LYS A 226 -12.51 -0.48 -5.88
C LYS A 226 -13.50 -1.45 -5.25
N GLU A 227 -14.70 -0.97 -4.95
CA GLU A 227 -15.74 -1.83 -4.44
C GLU A 227 -16.37 -2.62 -5.58
N VAL A 228 -16.88 -3.80 -5.24
CA VAL A 228 -17.43 -4.74 -6.21
C VAL A 228 -18.94 -4.77 -6.10
N GLU A 229 -19.61 -4.83 -7.24
CA GLU A 229 -21.07 -4.81 -7.30
C GLU A 229 -21.65 -6.17 -6.92
N THR B 24 -3.97 -34.61 12.43
CA THR B 24 -2.86 -35.26 11.74
C THR B 24 -2.91 -34.98 10.24
N ALA B 25 -1.75 -35.10 9.58
CA ALA B 25 -1.67 -34.71 8.18
C ALA B 25 -2.34 -35.72 7.27
N GLU B 26 -2.24 -37.01 7.60
CA GLU B 26 -2.86 -38.03 6.76
C GLU B 26 -4.36 -37.76 6.59
N ILE B 27 -5.04 -37.35 7.65
CA ILE B 27 -6.47 -37.09 7.57
C ILE B 27 -6.74 -35.93 6.63
N SER B 28 -5.97 -34.84 6.76
CA SER B 28 -6.19 -33.67 5.92
C SER B 28 -5.94 -33.99 4.45
N GLN B 29 -4.95 -34.84 4.17
CA GLN B 29 -4.64 -35.18 2.78
C GLN B 29 -5.82 -35.86 2.10
N LEU B 30 -6.37 -36.90 2.74
CA LEU B 30 -7.46 -37.64 2.13
C LEU B 30 -8.69 -36.77 1.97
N MET B 31 -9.11 -36.10 3.05
CA MET B 31 -10.23 -35.18 2.96
C MET B 31 -10.02 -34.18 1.83
N SER B 32 -8.81 -33.64 1.72
CA SER B 32 -8.50 -32.75 0.60
C SER B 32 -8.69 -33.44 -0.72
N LEU B 33 -8.18 -34.67 -0.84
CA LEU B 33 -8.30 -35.42 -2.09
C LEU B 33 -9.74 -35.76 -2.41
N ILE B 34 -10.51 -36.18 -1.40
CA ILE B 34 -11.91 -36.54 -1.63
C ILE B 34 -12.70 -35.32 -2.09
N ILE B 35 -12.64 -34.24 -1.31
CA ILE B 35 -13.50 -33.09 -1.57
C ILE B 35 -13.14 -32.44 -2.89
N ASN B 36 -11.88 -32.51 -3.31
CA ASN B 36 -11.50 -31.92 -4.59
C ASN B 36 -12.11 -32.68 -5.76
N THR B 37 -12.21 -34.01 -5.65
CA THR B 37 -12.78 -34.81 -6.71
C THR B 37 -14.30 -34.78 -6.69
N VAL B 38 -14.90 -34.57 -5.52
CA VAL B 38 -16.35 -34.50 -5.43
C VAL B 38 -16.86 -33.20 -6.03
N TYR B 39 -16.18 -32.09 -5.75
CA TYR B 39 -16.62 -30.75 -6.18
C TYR B 39 -15.74 -30.28 -7.34
N SER B 40 -16.31 -30.29 -8.55
CA SER B 40 -15.57 -29.82 -9.72
C SER B 40 -15.60 -28.31 -9.85
N ASN B 41 -16.61 -27.64 -9.30
CA ASN B 41 -16.66 -26.18 -9.27
C ASN B 41 -15.93 -25.69 -8.03
N LYS B 42 -14.70 -25.22 -8.22
CA LYS B 42 -13.85 -24.84 -7.10
C LYS B 42 -14.08 -23.40 -6.63
N GLU B 43 -14.87 -22.61 -7.35
CA GLU B 43 -15.10 -21.22 -6.95
C GLU B 43 -15.91 -21.10 -5.66
N ILE B 44 -16.58 -22.17 -5.24
CA ILE B 44 -17.48 -22.11 -4.10
C ILE B 44 -16.76 -21.80 -2.79
N PHE B 45 -15.43 -21.87 -2.78
CA PHE B 45 -14.69 -21.50 -1.59
C PHE B 45 -14.91 -20.04 -1.22
N LEU B 46 -15.11 -19.17 -2.21
CA LEU B 46 -15.22 -17.74 -1.92
C LEU B 46 -16.55 -17.40 -1.24
N ARG B 47 -17.65 -18.03 -1.67
CA ARG B 47 -18.93 -17.77 -1.02
C ARG B 47 -18.86 -18.15 0.46
N GLU B 48 -18.17 -19.24 0.79
CA GLU B 48 -17.95 -19.60 2.18
CA GLU B 48 -17.95 -19.59 2.19
C GLU B 48 -17.24 -18.48 2.93
N LEU B 49 -16.14 -17.99 2.37
CA LEU B 49 -15.34 -16.97 3.03
C LEU B 49 -16.16 -15.71 3.25
N ILE B 50 -16.85 -15.25 2.21
CA ILE B 50 -17.65 -14.03 2.32
C ILE B 50 -18.75 -14.21 3.35
N SER B 51 -19.34 -15.41 3.41
CA SER B 51 -20.38 -15.66 4.39
C SER B 51 -19.82 -15.64 5.81
N ASN B 52 -18.63 -16.22 6.01
CA ASN B 52 -17.99 -16.14 7.31
C ASN B 52 -17.68 -14.70 7.69
N ALA B 53 -17.16 -13.92 6.73
CA ALA B 53 -16.79 -12.53 7.03
C ALA B 53 -18.02 -11.69 7.35
N SER B 54 -19.12 -11.88 6.62
CA SER B 54 -20.34 -11.14 6.92
C SER B 54 -20.82 -11.44 8.33
N ASP B 55 -20.78 -12.71 8.74
CA ASP B 55 -21.19 -13.06 10.09
C ASP B 55 -20.29 -12.38 11.12
N ALA B 56 -18.98 -12.37 10.88
CA ALA B 56 -18.06 -11.69 11.79
C ALA B 56 -18.35 -10.21 11.87
N LEU B 57 -18.69 -9.59 10.73
CA LEU B 57 -19.03 -8.17 10.73
C LEU B 57 -20.35 -7.93 11.45
N ASP B 58 -21.31 -8.84 11.31
CA ASP B 58 -22.56 -8.72 12.04
C ASP B 58 -22.32 -8.69 13.55
N LYS B 59 -21.41 -9.53 14.04
CA LYS B 59 -21.21 -9.62 15.47
C LYS B 59 -20.64 -8.34 16.06
N ILE B 60 -19.66 -7.73 15.37
CA ILE B 60 -19.05 -6.52 15.92
C ILE B 60 -20.01 -5.34 15.78
N ARG B 61 -20.70 -5.24 14.65
CA ARG B 61 -21.71 -4.20 14.50
C ARG B 61 -22.74 -4.29 15.63
N TYR B 62 -23.09 -5.51 16.04
CA TYR B 62 -24.13 -5.69 17.03
C TYR B 62 -23.66 -5.22 18.40
N GLN B 63 -22.54 -5.76 18.89
CA GLN B 63 -22.07 -5.38 20.23
C GLN B 63 -21.48 -3.98 20.27
N ALA B 64 -21.33 -3.31 19.12
CA ALA B 64 -20.97 -1.90 19.11
C ALA B 64 -22.18 -1.01 19.35
N LEU B 65 -23.39 -1.57 19.28
CA LEU B 65 -24.58 -0.82 19.65
C LEU B 65 -24.57 -0.48 21.14
N SER B 66 -24.20 -1.45 21.98
CA SER B 66 -24.08 -1.20 23.41
C SER B 66 -22.81 -0.42 23.73
N ASP B 67 -21.69 -0.79 23.09
CA ASP B 67 -20.38 -0.22 23.38
C ASP B 67 -19.73 0.22 22.08
N PRO B 68 -19.97 1.46 21.64
CA PRO B 68 -19.39 1.92 20.37
C PRO B 68 -17.87 2.04 20.39
N SER B 69 -17.23 1.99 21.56
CA SER B 69 -15.77 2.04 21.59
C SER B 69 -15.14 0.80 20.98
N GLN B 70 -15.92 -0.25 20.72
CA GLN B 70 -15.38 -1.47 20.09
C GLN B 70 -15.00 -1.25 18.65
N LEU B 71 -15.49 -0.18 18.02
CA LEU B 71 -15.16 0.11 16.63
C LEU B 71 -13.94 1.00 16.46
N GLU B 72 -13.37 1.52 17.55
CA GLU B 72 -12.24 2.43 17.41
C GLU B 72 -10.99 1.73 16.89
N SER B 73 -10.90 0.41 17.06
CA SER B 73 -9.75 -0.32 16.52
C SER B 73 -9.76 -0.30 14.99
N GLU B 74 -10.93 -0.47 14.38
CA GLU B 74 -11.10 -0.33 12.94
C GLU B 74 -12.49 0.24 12.70
N PRO B 75 -12.62 1.56 12.54
CA PRO B 75 -13.98 2.14 12.49
C PRO B 75 -14.85 1.60 11.37
N GLU B 76 -14.28 1.39 10.19
CA GLU B 76 -15.04 0.90 9.05
C GLU B 76 -15.25 -0.60 9.13
N LEU B 77 -16.36 -1.05 8.55
CA LEU B 77 -16.72 -2.45 8.46
C LEU B 77 -16.72 -2.85 6.99
N PHE B 78 -15.82 -3.77 6.62
CA PHE B 78 -15.59 -4.06 5.23
C PHE B 78 -15.09 -5.48 5.04
N ILE B 79 -15.22 -5.97 3.82
CA ILE B 79 -14.53 -7.16 3.35
C ILE B 79 -13.59 -6.73 2.22
N ARG B 80 -12.36 -7.22 2.25
CA ARG B 80 -11.34 -6.78 1.31
C ARG B 80 -10.61 -7.99 0.74
N ILE B 81 -10.52 -8.06 -0.58
CA ILE B 81 -9.85 -9.15 -1.29
C ILE B 81 -8.59 -8.58 -1.94
N ILE B 82 -7.44 -9.13 -1.56
CA ILE B 82 -6.15 -8.63 -2.05
C ILE B 82 -5.38 -9.75 -2.72
N PRO B 83 -5.46 -9.91 -4.04
CA PRO B 83 -4.60 -10.89 -4.72
C PRO B 83 -3.13 -10.47 -4.70
N GLN B 84 -2.28 -11.35 -4.19
CA GLN B 84 -0.83 -11.17 -4.22
C GLN B 84 -0.30 -12.02 -5.37
N LYS B 85 -0.10 -11.40 -6.53
CA LYS B 85 0.25 -12.17 -7.72
C LYS B 85 1.67 -12.71 -7.64
N ASP B 86 2.60 -11.93 -7.08
CA ASP B 86 3.98 -12.41 -6.95
C ASP B 86 4.05 -13.67 -6.10
N GLN B 87 3.39 -13.66 -4.94
CA GLN B 87 3.45 -14.79 -4.02
C GLN B 87 2.45 -15.88 -4.36
N LYS B 88 1.66 -15.73 -5.42
CA LYS B 88 0.60 -16.68 -5.75
C LYS B 88 -0.30 -16.89 -4.53
N VAL B 89 -0.67 -15.79 -3.88
CA VAL B 89 -1.47 -15.81 -2.67
C VAL B 89 -2.68 -14.93 -2.88
N LEU B 90 -3.84 -15.41 -2.42
CA LEU B 90 -5.06 -14.63 -2.39
C LEU B 90 -5.44 -14.37 -0.94
N GLU B 91 -5.57 -13.09 -0.58
CA GLU B 91 -5.90 -12.68 0.78
C GLU B 91 -7.34 -12.19 0.83
N ILE B 92 -8.08 -12.67 1.83
CA ILE B 92 -9.45 -12.23 2.08
C ILE B 92 -9.48 -11.73 3.52
N ARG B 93 -9.75 -10.45 3.69
CA ARG B 93 -9.67 -9.83 4.98
C ARG B 93 -10.99 -9.13 5.32
N ASP B 94 -11.34 -9.15 6.60
CA ASP B 94 -12.54 -8.49 7.08
C ASP B 94 -12.23 -7.78 8.38
N SER B 95 -13.05 -6.78 8.70
CA SER B 95 -12.90 -5.99 9.91
C SER B 95 -13.89 -6.43 10.99
N GLY B 96 -14.35 -7.67 10.95
CA GLY B 96 -15.30 -8.17 11.93
C GLY B 96 -14.75 -8.28 13.33
N ILE B 97 -15.42 -9.05 14.17
CA ILE B 97 -15.06 -9.12 15.59
C ILE B 97 -13.70 -9.77 15.80
N GLY B 98 -13.22 -10.57 14.85
CA GLY B 98 -11.95 -11.23 15.00
C GLY B 98 -12.03 -12.37 15.99
N MET B 99 -10.86 -12.97 16.26
CA MET B 99 -10.76 -14.13 17.14
C MET B 99 -9.59 -13.94 18.08
N THR B 100 -9.83 -14.17 19.37
CA THR B 100 -8.77 -14.20 20.35
C THR B 100 -7.92 -15.46 20.16
N LYS B 101 -6.82 -15.54 20.92
CA LYS B 101 -5.99 -16.75 20.86
C LYS B 101 -6.83 -17.99 21.18
N ALA B 102 -7.71 -17.88 22.17
CA ALA B 102 -8.59 -18.99 22.51
C ALA B 102 -9.58 -19.28 21.38
N ASP B 103 -10.09 -18.23 20.74
CA ASP B 103 -11.07 -18.42 19.67
C ASP B 103 -10.45 -19.11 18.46
N LEU B 104 -9.20 -18.77 18.13
CA LEU B 104 -8.54 -19.43 17.01
C LEU B 104 -8.43 -20.93 17.24
N VAL B 105 -8.06 -21.35 18.45
CA VAL B 105 -7.88 -22.77 18.72
C VAL B 105 -9.21 -23.51 18.59
N ASN B 106 -10.30 -22.90 19.04
CA ASN B 106 -11.59 -23.58 19.00
C ASN B 106 -12.11 -23.71 17.57
N ASN B 107 -12.17 -22.59 16.84
CA ASN B 107 -12.77 -22.63 15.52
C ASN B 107 -11.92 -23.41 14.54
N LEU B 108 -10.60 -23.44 14.73
CA LEU B 108 -9.72 -24.08 13.77
C LEU B 108 -9.34 -25.46 14.31
N GLY B 109 -10.24 -26.39 14.03
CA GLY B 109 -10.11 -27.82 14.24
C GLY B 109 -10.58 -28.48 12.96
N THR B 110 -11.37 -29.54 13.11
CA THR B 110 -11.90 -30.23 11.95
C THR B 110 -13.39 -30.50 12.16
N ILE B 111 -14.02 -31.16 11.18
CA ILE B 111 -15.47 -31.29 11.15
C ILE B 111 -15.89 -32.60 10.50
N ALA B 112 -17.19 -32.74 10.29
CA ALA B 112 -17.78 -33.94 9.68
C ALA B 112 -18.98 -33.49 8.86
N LYS B 113 -18.87 -33.58 7.54
CA LYS B 113 -19.95 -33.16 6.65
C LYS B 113 -21.24 -33.93 6.97
N PHE B 135 -25.16 -26.49 2.36
CA PHE B 135 -25.24 -25.21 3.05
C PHE B 135 -23.98 -24.96 3.89
N GLY B 136 -22.86 -24.72 3.22
CA GLY B 136 -21.61 -24.40 3.89
C GLY B 136 -20.73 -25.61 4.13
N VAL B 137 -19.88 -25.98 3.15
CA VAL B 137 -19.16 -27.25 3.29
C VAL B 137 -18.07 -27.17 4.36
N GLY B 138 -17.59 -25.98 4.68
CA GLY B 138 -16.62 -25.82 5.76
C GLY B 138 -15.20 -25.64 5.28
N PHE B 139 -14.26 -25.78 6.23
CA PHE B 139 -12.87 -25.42 6.00
C PHE B 139 -12.27 -26.08 4.77
N TYR B 140 -12.74 -27.27 4.42
CA TYR B 140 -12.10 -28.02 3.34
C TYR B 140 -12.46 -27.51 1.95
N SER B 141 -13.35 -26.54 1.83
CA SER B 141 -13.51 -25.85 0.55
C SER B 141 -12.25 -25.09 0.18
N LEU B 142 -11.54 -24.57 1.17
CA LEU B 142 -10.30 -23.84 0.90
C LEU B 142 -9.34 -24.67 0.07
N PHE B 143 -9.19 -25.95 0.41
CA PHE B 143 -8.28 -26.81 -0.33
C PHE B 143 -8.77 -27.12 -1.73
N LEU B 144 -9.96 -26.67 -2.12
CA LEU B 144 -10.34 -26.74 -3.53
C LEU B 144 -9.41 -25.89 -4.39
N VAL B 145 -9.00 -24.73 -3.88
CA VAL B 145 -8.15 -23.81 -4.64
C VAL B 145 -6.76 -23.64 -4.04
N ALA B 146 -6.53 -24.10 -2.82
CA ALA B 146 -5.31 -23.76 -2.10
C ALA B 146 -4.61 -25.01 -1.57
N ASP B 147 -3.28 -24.93 -1.49
CA ASP B 147 -2.46 -25.96 -0.87
C ASP B 147 -2.07 -25.64 0.55
N HIS B 148 -2.23 -24.39 0.99
CA HIS B 148 -1.84 -23.98 2.33
C HIS B 148 -2.65 -22.75 2.73
N VAL B 149 -2.89 -22.61 4.03
CA VAL B 149 -3.74 -21.56 4.55
C VAL B 149 -3.12 -20.96 5.80
N GLN B 150 -3.11 -19.62 5.88
CA GLN B 150 -2.75 -18.89 7.08
C GLN B 150 -3.94 -18.06 7.53
N VAL B 151 -4.25 -18.10 8.82
CA VAL B 151 -5.35 -17.32 9.40
C VAL B 151 -4.75 -16.33 10.40
N ILE B 152 -4.83 -15.04 10.08
CA ILE B 152 -4.40 -13.97 10.97
C ILE B 152 -5.64 -13.29 11.51
N SER B 153 -5.70 -13.09 12.84
CA SER B 153 -6.88 -12.55 13.49
C SER B 153 -6.48 -11.62 14.63
N LYS B 154 -7.29 -10.59 14.85
CA LYS B 154 -7.08 -9.61 15.92
C LYS B 154 -8.42 -9.32 16.57
N HIS B 155 -8.57 -9.70 17.83
CA HIS B 155 -9.75 -9.40 18.63
C HIS B 155 -9.44 -8.25 19.58
N ASN B 156 -10.45 -7.40 19.81
CA ASN B 156 -10.24 -6.22 20.65
C ASN B 156 -9.69 -6.59 22.03
N ASP B 157 -10.03 -7.78 22.53
CA ASP B 157 -9.65 -8.19 23.87
C ASP B 157 -8.37 -9.03 23.88
N ASP B 158 -7.66 -9.11 22.76
CA ASP B 158 -6.43 -9.89 22.70
C ASP B 158 -5.53 -9.28 21.64
N GLU B 159 -4.33 -9.88 21.50
CA GLU B 159 -3.37 -9.42 20.51
C GLU B 159 -3.54 -10.19 19.20
N GLN B 160 -2.78 -9.78 18.19
CA GLN B 160 -2.88 -10.39 16.88
C GLN B 160 -2.11 -11.70 16.86
N TYR B 161 -2.77 -12.77 16.40
CA TYR B 161 -2.17 -14.10 16.34
C TYR B 161 -2.31 -14.66 14.94
N VAL B 162 -1.43 -15.60 14.62
CA VAL B 162 -1.42 -16.27 13.32
C VAL B 162 -1.55 -17.77 13.55
N TRP B 163 -2.57 -18.36 12.92
CA TRP B 163 -2.74 -19.80 12.88
C TRP B 163 -2.33 -20.32 11.51
N GLU B 164 -1.68 -21.48 11.49
CA GLU B 164 -1.15 -22.05 10.25
C GLU B 164 -1.28 -23.55 10.30
N SER B 165 -1.57 -24.14 9.14
CA SER B 165 -1.62 -25.60 9.00
C SER B 165 -0.23 -26.11 8.60
N ASN B 166 0.73 -25.82 9.47
CA ASN B 166 2.15 -25.93 9.15
C ASN B 166 2.55 -27.37 8.84
N ALA B 167 3.76 -27.49 8.28
CA ALA B 167 4.28 -28.74 7.75
C ALA B 167 4.35 -29.82 8.83
N GLY B 168 4.64 -31.03 8.38
CA GLY B 168 4.42 -32.20 9.20
C GLY B 168 2.93 -32.40 9.34
N GLY B 169 2.39 -32.16 10.53
CA GLY B 169 0.95 -32.13 10.69
C GLY B 169 0.47 -31.43 11.95
N LYS B 170 1.23 -30.46 12.43
CA LYS B 170 0.96 -29.79 13.69
C LYS B 170 0.54 -28.33 13.47
N PHE B 171 -0.42 -27.88 14.26
CA PHE B 171 -0.91 -26.51 14.21
C PHE B 171 -0.19 -25.65 15.24
N THR B 172 -0.13 -24.35 14.98
CA THR B 172 0.53 -23.42 15.87
C THR B 172 -0.19 -22.07 15.85
N VAL B 173 -0.53 -21.56 17.03
CA VAL B 173 -1.04 -20.20 17.17
C VAL B 173 0.12 -19.37 17.71
N THR B 174 0.58 -18.41 16.91
CA THR B 174 1.76 -17.64 17.22
C THR B 174 1.41 -16.17 17.30
N LEU B 175 1.96 -15.49 18.31
CA LEU B 175 1.84 -14.04 18.39
C LEU B 175 2.42 -13.43 17.13
N ASP B 176 1.68 -12.50 16.53
CA ASP B 176 2.02 -11.97 15.22
C ASP B 176 3.01 -10.84 15.41
N GLU B 177 4.28 -11.13 15.10
CA GLU B 177 5.37 -10.15 15.23
C GLU B 177 5.94 -9.75 13.88
N THR B 178 5.33 -10.21 12.77
CA THR B 178 5.85 -9.95 11.44
C THR B 178 4.82 -9.30 10.53
N ASN B 179 3.64 -9.88 10.39
CA ASN B 179 2.64 -9.35 9.47
C ASN B 179 2.20 -7.94 9.88
N GLU B 180 1.57 -7.25 8.94
CA GLU B 180 1.04 -5.92 9.18
C GLU B 180 -0.13 -5.99 10.17
N ARG B 181 -0.45 -4.84 10.76
CA ARG B 181 -1.50 -4.78 11.77
C ARG B 181 -2.87 -4.71 11.11
N LEU B 182 -3.81 -5.52 11.61
CA LEU B 182 -5.19 -5.44 11.16
C LEU B 182 -6.03 -4.45 11.93
N GLY B 183 -5.67 -4.16 13.17
CA GLY B 183 -6.49 -3.26 14.00
C GLY B 183 -7.62 -4.06 14.60
N ARG B 184 -8.37 -4.76 13.75
CA ARG B 184 -9.41 -5.69 14.21
C ARG B 184 -9.87 -6.48 12.99
N GLY B 185 -10.32 -7.70 13.25
CA GLY B 185 -10.84 -8.56 12.20
C GLY B 185 -9.95 -9.75 11.91
N THR B 186 -10.15 -10.34 10.73
CA THR B 186 -9.47 -11.56 10.34
C THR B 186 -9.04 -11.48 8.89
N MET B 187 -7.88 -12.05 8.59
CA MET B 187 -7.39 -12.19 7.22
C MET B 187 -6.98 -13.64 6.97
N LEU B 188 -7.55 -14.20 5.91
CA LEU B 188 -7.17 -15.54 5.45
C LEU B 188 -6.27 -15.40 4.23
N ARG B 189 -5.09 -16.02 4.30
CA ARG B 189 -4.13 -16.00 3.21
C ARG B 189 -4.14 -17.39 2.57
N LEU B 190 -4.57 -17.46 1.32
CA LEU B 190 -4.65 -18.72 0.59
C LEU B 190 -3.48 -18.79 -0.38
N PHE B 191 -2.63 -19.79 -0.20
CA PHE B 191 -1.54 -20.08 -1.14
C PHE B 191 -2.12 -20.97 -2.24
N LEU B 192 -2.31 -20.40 -3.42
CA LEU B 192 -3.11 -21.04 -4.45
C LEU B 192 -2.37 -22.17 -5.14
N LYS B 193 -3.13 -23.18 -5.56
CA LYS B 193 -2.59 -24.24 -6.39
C LYS B 193 -2.12 -23.68 -7.73
N GLU B 194 -1.13 -24.34 -8.32
CA GLU B 194 -0.57 -23.86 -9.58
C GLU B 194 -1.59 -23.90 -10.70
N ASP B 195 -2.66 -24.67 -10.57
CA ASP B 195 -3.71 -24.75 -11.57
C ASP B 195 -4.90 -23.85 -11.26
N GLN B 196 -4.90 -23.17 -10.11
CA GLN B 196 -6.03 -22.36 -9.68
C GLN B 196 -5.70 -20.87 -9.62
N LEU B 197 -4.65 -20.44 -10.32
CA LEU B 197 -4.22 -19.05 -10.27
C LEU B 197 -5.20 -18.09 -10.96
N GLU B 198 -6.26 -18.60 -11.58
CA GLU B 198 -7.27 -17.71 -12.15
C GLU B 198 -7.93 -16.82 -11.10
N TYR B 199 -7.83 -17.17 -9.83
CA TYR B 199 -8.49 -16.44 -8.76
C TYR B 199 -7.64 -15.27 -8.24
N LEU B 200 -6.52 -14.98 -8.90
CA LEU B 200 -5.79 -13.74 -8.67
C LEU B 200 -6.19 -12.63 -9.63
N GLU B 201 -6.96 -12.95 -10.67
CA GLU B 201 -7.32 -11.98 -11.69
C GLU B 201 -8.58 -11.22 -11.28
N GLU B 202 -8.58 -9.93 -11.57
CA GLU B 202 -9.71 -9.08 -11.20
C GLU B 202 -11.01 -9.63 -11.77
N LYS B 203 -11.01 -9.92 -13.07
CA LYS B 203 -12.25 -10.36 -13.74
C LYS B 203 -12.84 -11.58 -13.05
N ARG B 204 -12.02 -12.61 -12.80
CA ARG B 204 -12.52 -13.82 -12.18
C ARG B 204 -13.10 -13.52 -10.80
N ILE B 205 -12.37 -12.77 -9.98
CA ILE B 205 -12.83 -12.46 -8.63
C ILE B 205 -14.18 -11.75 -8.70
N LYS B 206 -14.30 -10.76 -9.60
CA LYS B 206 -15.56 -10.05 -9.75
C LYS B 206 -16.69 -10.99 -10.14
N GLU B 207 -16.41 -11.90 -11.08
CA GLU B 207 -17.41 -12.89 -11.50
C GLU B 207 -17.98 -13.63 -10.29
N VAL B 208 -17.11 -14.20 -9.46
CA VAL B 208 -17.57 -15.04 -8.36
C VAL B 208 -18.33 -14.20 -7.32
N VAL B 209 -17.78 -13.04 -6.96
CA VAL B 209 -18.41 -12.21 -5.94
C VAL B 209 -19.83 -11.82 -6.36
N LYS B 210 -19.98 -11.28 -7.58
CA LYS B 210 -21.29 -10.86 -8.04
C LYS B 210 -22.31 -11.98 -7.91
N LYS B 211 -21.90 -13.21 -8.19
CA LYS B 211 -22.80 -14.35 -8.07
C LYS B 211 -23.35 -14.45 -6.64
N HIS B 212 -22.48 -14.71 -5.68
CA HIS B 212 -22.88 -15.08 -4.31
C HIS B 212 -22.78 -13.91 -3.34
N SER B 213 -23.16 -12.68 -3.72
CA SER B 213 -22.99 -11.55 -2.80
C SER B 213 -24.18 -10.61 -2.77
N GLU B 214 -25.33 -10.98 -3.32
CA GLU B 214 -26.51 -10.12 -3.23
C GLU B 214 -26.92 -9.92 -1.78
N PHE B 215 -26.81 -10.97 -0.96
CA PHE B 215 -27.33 -10.92 0.39
C PHE B 215 -26.39 -10.27 1.40
N VAL B 216 -25.16 -9.96 1.01
CA VAL B 216 -24.21 -9.33 1.93
C VAL B 216 -24.47 -7.83 1.95
N ALA B 217 -24.55 -7.27 3.16
CA ALA B 217 -24.85 -5.85 3.36
C ALA B 217 -23.60 -4.99 3.53
N TYR B 218 -22.41 -5.58 3.47
CA TYR B 218 -21.18 -4.83 3.68
C TYR B 218 -20.41 -4.67 2.38
N PRO B 219 -19.63 -3.60 2.24
CA PRO B 219 -18.88 -3.39 0.99
C PRO B 219 -17.78 -4.44 0.84
N ILE B 220 -17.70 -5.01 -0.36
CA ILE B 220 -16.64 -5.95 -0.70
C ILE B 220 -15.66 -5.21 -1.61
N GLN B 221 -14.49 -4.87 -1.07
CA GLN B 221 -13.49 -4.09 -1.77
C GLN B 221 -12.43 -5.00 -2.38
N LEU B 222 -11.94 -4.61 -3.56
CA LEU B 222 -10.93 -5.37 -4.28
C LEU B 222 -9.70 -4.51 -4.47
N VAL B 223 -8.56 -5.00 -4.01
CA VAL B 223 -7.29 -4.29 -4.09
C VAL B 223 -6.49 -4.94 -5.22
N VAL B 224 -6.30 -4.22 -6.31
CA VAL B 224 -5.59 -4.73 -7.48
C VAL B 224 -4.38 -3.84 -7.75
N THR B 225 -3.26 -4.47 -8.08
CA THR B 225 -2.03 -3.79 -8.45
C THR B 225 -1.79 -4.00 -9.94
N LYS B 226 -1.89 -2.93 -10.71
CA LYS B 226 -1.69 -2.98 -12.16
C LYS B 226 -0.54 -2.06 -12.55
N GLU B 227 0.29 -2.53 -13.46
CA GLU B 227 1.35 -1.70 -14.02
C GLU B 227 0.77 -0.79 -15.09
N VAL B 228 1.43 0.34 -15.30
CA VAL B 228 0.95 1.36 -16.23
C VAL B 228 1.79 1.29 -17.50
N GLU B 229 1.13 1.34 -18.64
CA GLU B 229 1.81 1.21 -19.93
C GLU B 229 2.48 2.51 -20.33
C10 F5S C . 14.70 13.27 -3.42
C13 F5S C . 15.93 13.08 -6.51
C15 F5S C . 17.88 11.93 -7.73
C17 F5S C . 18.93 10.07 -5.40
C22 F5S C . 13.61 17.31 -3.47
C24 F5S C . 12.27 17.87 -5.51
C26 F5S C . 10.04 17.00 -5.82
C28 F5S C . 7.83 16.08 -6.38
O01 F5S C . 13.44 8.49 -4.23
C02 F5S C . 13.08 9.86 -4.27
C03 F5S C . 14.00 10.82 -3.86
C04 F5S C . 15.36 10.29 -3.40
O05 F5S C . 16.54 10.96 -3.82
C06 F5S C . 17.72 10.53 -3.23
C07 F5S C . 18.70 11.67 -3.05
O08 F5S C . 15.41 9.29 -2.70
C09 F5S C . 13.68 12.19 -3.89
C11 F5S C . 15.21 14.33 -4.40
C12 F5S C . 16.17 14.01 -5.54
C14 F5S C . 16.95 12.92 -7.64
C16 F5S C . 18.06 10.73 -6.54
O18 F5S C . 18.54 9.29 -6.60
C19 F5S C . 18.32 9.48 -4.13
N20 F5S C . 14.85 15.59 -4.23
O21 F5S C . 14.01 15.97 -3.21
C23 F5S C . 12.34 17.20 -4.29
C25 F5S C . 11.12 17.77 -6.27
O27 F5S C . 8.91 16.96 -6.65
C29 F5S C . 10.13 16.33 -4.59
C30 F5S C . 11.29 16.43 -3.83
C31 F5S C . 12.40 12.56 -4.33
C32 F5S C . 11.48 11.59 -4.74
O33 F5S C . 10.19 11.96 -5.19
C34 F5S C . 11.81 10.24 -4.71
H102 F5S C . 15.48 12.79 -3.07
H101 F5S C . 14.29 13.73 -2.66
H131 F5S C . 15.09 12.55 -6.51
H151 F5S C . 18.48 11.92 -8.50
H171 F5S C . 19.87 10.38 -5.37
H222 F5S C . 14.31 17.78 -3.97
H221 F5S C . 13.43 17.77 -2.62
H241 F5S C . 13.02 18.41 -5.83
H282 F5S C . 6.99 16.58 -6.43
H281 F5S C . 7.94 15.72 -5.47
H283 F5S C . 7.84 15.35 -7.03
H011 F5S C . 13.47 8.22 -3.38
H061 F5S C . 17.53 10.12 -2.35
H073 F5S C . 18.53 12.35 -3.76
H071 F5S C . 19.61 11.35 -3.13
H072 F5S C . 18.56 12.09 -2.17
H121 F5S C . 17.00 14.54 -5.61
H141 F5S C . 16.92 13.57 -8.37
H192 F5S C . 17.62 8.85 -4.40
H191 F5S C . 19.02 9.00 -3.64
H251 F5S C . 11.05 18.24 -7.13
H291 F5S C . 9.37 15.79 -4.27
H301 F5S C . 11.35 15.96 -2.97
H311 F5S C . 12.15 13.51 -4.35
H331 F5S C . 10.22 12.77 -5.55
H341 F5S C . 11.17 9.56 -5.00
C10 F5S D . -13.91 -18.17 11.67
C13 F5S D . -17.01 -17.62 11.59
C15 F5S D . -19.12 -16.41 12.53
C17 F5S D . -17.50 -15.01 14.58
C22 F5S D . -13.22 -22.07 10.30
C24 F5S D . -14.11 -22.53 7.99
C26 F5S D . -13.30 -21.29 6.09
C28 F5S D . -14.45 -21.35 3.94
O01 F5S D . -13.84 -13.49 9.89
C02 F5S D . -13.76 -14.88 9.65
C03 F5S D . -13.87 -15.76 10.73
C04 F5S D . -14.09 -15.17 12.12
O05 F5S D . -15.05 -15.78 12.99
C06 F5S D . -15.05 -15.34 14.32
C07 F5S D . -15.23 -16.54 15.25
O08 F5S D . -13.46 -14.19 12.48
C09 F5S D . -13.79 -17.15 10.51
C11 F5S D . -15.01 -19.23 11.45
C12 F5S D . -16.50 -18.89 11.67
C14 F5S D . -18.52 -17.41 11.82
C16 F5S D . -18.25 -15.17 13.27
O18 F5S D . -18.73 -14.19 14.34
C19 F5S D . -16.18 -14.35 14.47
N20 F5S D . -14.66 -20.47 11.11
O21 F5S D . -13.34 -20.80 10.95
C23 F5S D . -13.24 -21.80 8.80
C25 F5S D . -14.13 -22.28 6.63
O27 F5S D . -13.30 -21.03 4.70
C29 F5S D . -12.43 -20.57 6.90
C30 F5S D . -12.41 -20.81 8.26
C31 F5S D . -13.59 -17.63 9.21
C32 F5S D . -13.48 -16.74 8.13
O33 F5S D . -13.29 -17.22 6.81
C34 F5S D . -13.57 -15.36 8.36
H102 F5S D . -14.11 -17.69 12.50
H101 F5S D . -13.06 -18.64 11.77
H131 F5S D . -16.42 -16.85 11.39
H151 F5S D . -20.10 -16.40 12.60
H171 F5S D . -17.61 -15.76 15.23
H222 F5S D . -13.98 -22.64 10.55
H221 F5S D . -12.38 -22.50 10.56
H241 F5S D . -14.70 -23.21 8.38
H282 F5S D . -15.19 -21.54 4.55
H281 F5S D . -14.27 -22.13 3.38
H283 F5S D . -14.69 -20.59 3.37
H011 F5S D . -13.24 -13.26 10.50
H061 F5S D . -14.20 -14.90 14.52
H073 F5S D . -14.37 -17.01 15.36
H071 F5S D . -15.90 -17.16 14.86
H072 F5S D . -15.56 -16.22 16.13
H121 F5S D . -17.12 -19.62 11.86
H141 F5S D . -19.11 -18.08 11.43
H2 F5S D . -17.97 -15.04 12.34
H192 F5S D . -16.18 -13.75 13.70
H191 F5S D . -16.02 -13.82 15.29
H251 F5S D . -14.73 -22.79 6.04
H291 F5S D . -11.85 -19.88 6.50
H301 F5S D . -11.80 -20.31 8.84
H311 F5S D . -13.54 -18.59 9.04
H331 F5S D . -13.87 -16.83 6.27
H341 F5S D . -13.48 -14.73 7.61
#